data_2VXQ
#
_entry.id   2VXQ
#
_cell.length_a   105.437
_cell.length_b   105.437
_cell.length_c   110.225
_cell.angle_alpha   90.00
_cell.angle_beta   90.00
_cell.angle_gamma   90.00
#
_symmetry.space_group_name_H-M   'P 42 21 2'
#
loop_
_entity.id
_entity.type
_entity.pdbx_description
1 polymer 'POLLEN ALLERGEN PHL P 2'
2 polymer FAB
3 polymer FAB
4 water water
#
loop_
_entity_poly.entity_id
_entity_poly.type
_entity_poly.pdbx_seq_one_letter_code
_entity_poly.pdbx_strand_id
1 'polypeptide(L)'
;VPKVTFTVEKGSNEKHLAVLVKYEGDTMAEVELREHGSDEWVAMTKGEGGVWTFDSEEPLQGPFNFRFLTEKGMKNVFDD
VVPEKYTIGATYAPEE
;
A
2 'polypeptide(L)'
;VQLLESGPGLVKPAQTLSLSCAVSGGSIRSGGYYWSWIRQHPGKGLEWIGYIYHSGNTYYNPSLKSRIAMSVDTSENKFS
LRLNSVTAADTAVYYCARLDGYTLDIWGQGTLVTVSSSTKGPSVFPLAPSSKSTSGGTAALGCLVKDYFPEPVTVSWNSG
ALTSGVHTFPAVLQSSGLYSLSSVVTVPSSSLGTQTYICNVNHKPSNTKVDKRVEP
;
H
3 'polypeptide(L)'
;EIEMTQSPSSLSASVGDRVTISCRASQRINTYLNWYQHKPGKAPKLLIYAASSLQSGVPSRFSGSGYGTDFTLTISSLQP
EDFASYYCQESLSASYTFGQGTKVEIKRTVAAPSVFIFPPSDEQLKSGTASVVCLLNNFYPREAKVQWKVDNALQSGNSQ
ESVTEQDSKDSTYSLSSTLTLSKADYEKHKVYACEVTHQGLSSPVTKSFNRGEC
;
L
#
# COMPACT_ATOMS: atom_id res chain seq x y z
N LYS A 3 -31.43 1.93 -15.35
CA LYS A 3 -30.35 1.42 -16.20
C LYS A 3 -30.51 -0.08 -16.45
N VAL A 4 -30.57 -0.87 -15.38
CA VAL A 4 -30.58 -2.33 -15.47
C VAL A 4 -31.83 -2.91 -14.78
N THR A 5 -32.52 -3.81 -15.49
CA THR A 5 -33.68 -4.51 -14.93
C THR A 5 -33.58 -6.02 -15.13
N PHE A 6 -34.21 -6.76 -14.23
CA PHE A 6 -34.25 -8.22 -14.31
C PHE A 6 -35.69 -8.68 -14.26
N THR A 7 -36.19 -9.21 -15.38
CA THR A 7 -37.55 -9.71 -15.46
C THR A 7 -37.54 -11.24 -15.36
N VAL A 8 -38.27 -11.77 -14.38
CA VAL A 8 -38.31 -13.22 -14.19
C VAL A 8 -39.19 -13.88 -15.24
N GLU A 9 -38.60 -14.82 -15.98
CA GLU A 9 -39.24 -15.44 -17.13
C GLU A 9 -39.93 -16.75 -16.76
N LYS A 10 -40.90 -17.12 -17.60
CA LYS A 10 -41.63 -18.38 -17.43
C LYS A 10 -40.67 -19.55 -17.45
N GLY A 11 -41.05 -20.61 -16.75
CA GLY A 11 -40.19 -21.79 -16.61
C GLY A 11 -39.31 -21.69 -15.39
N SER A 12 -39.21 -20.50 -14.80
CA SER A 12 -38.45 -20.30 -13.57
C SER A 12 -39.10 -21.13 -12.45
N ASN A 13 -38.29 -21.91 -11.77
CA ASN A 13 -38.74 -22.74 -10.64
C ASN A 13 -37.55 -22.99 -9.72
N GLU A 14 -37.68 -23.87 -8.73
CA GLU A 14 -36.64 -24.03 -7.71
C GLU A 14 -35.28 -24.47 -8.27
N LYS A 15 -35.28 -25.14 -9.43
CA LYS A 15 -34.03 -25.63 -10.01
C LYS A 15 -33.67 -24.93 -11.33
N HIS A 16 -34.45 -23.91 -11.70
CA HIS A 16 -34.23 -23.17 -12.94
C HIS A 16 -34.62 -21.71 -12.74
N LEU A 17 -33.67 -20.80 -12.93
CA LEU A 17 -33.96 -19.38 -12.92
C LEU A 17 -33.69 -18.83 -14.31
N ALA A 18 -34.70 -18.17 -14.88
CA ALA A 18 -34.61 -17.55 -16.20
C ALA A 18 -34.95 -16.08 -16.03
N VAL A 19 -34.03 -15.21 -16.41
CA VAL A 19 -34.25 -13.77 -16.30
C VAL A 19 -33.95 -13.09 -17.63
N LEU A 20 -34.83 -12.16 -17.99
CA LEU A 20 -34.60 -11.28 -19.12
C LEU A 20 -33.88 -10.08 -18.54
N VAL A 21 -32.64 -9.89 -18.98
CA VAL A 21 -31.81 -8.79 -18.51
C VAL A 21 -31.72 -7.75 -19.61
N LYS A 22 -32.06 -6.51 -19.27
CA LYS A 22 -32.03 -5.39 -20.20
C LYS A 22 -31.21 -4.26 -19.59
N TYR A 23 -30.10 -3.93 -20.25
CA TYR A 23 -29.22 -2.86 -19.83
C TYR A 23 -29.30 -1.72 -20.86
N GLU A 24 -29.61 -0.52 -20.41
CA GLU A 24 -29.82 0.63 -21.30
C GLU A 24 -28.53 1.03 -22.03
N GLY A 25 -28.60 1.05 -23.36
CA GLY A 25 -27.48 1.49 -24.19
C GLY A 25 -26.31 0.54 -24.24
N ASP A 26 -26.55 -0.73 -23.94
CA ASP A 26 -25.51 -1.76 -23.93
C ASP A 26 -26.15 -3.15 -23.95
N THR A 27 -25.33 -4.18 -24.15
CA THR A 27 -25.79 -5.57 -24.11
C THR A 27 -24.91 -6.38 -23.16
N MET A 28 -25.47 -7.42 -22.57
CA MET A 28 -24.74 -8.26 -21.61
C MET A 28 -23.85 -9.26 -22.33
N ALA A 29 -22.58 -9.31 -21.92
CA ALA A 29 -21.64 -10.33 -22.37
C ALA A 29 -21.68 -11.53 -21.43
N GLU A 30 -21.75 -11.24 -20.13
CA GLU A 30 -21.84 -12.28 -19.12
C GLU A 30 -22.73 -11.79 -17.99
N VAL A 31 -23.52 -12.71 -17.44
CA VAL A 31 -24.36 -12.46 -16.30
C VAL A 31 -24.22 -13.64 -15.36
N GLU A 32 -24.06 -13.32 -14.08
CA GLU A 32 -23.89 -14.33 -13.04
C GLU A 32 -24.81 -14.03 -11.87
N LEU A 33 -25.12 -15.07 -11.10
CA LEU A 33 -25.94 -14.92 -9.94
C LEU A 33 -25.25 -15.52 -8.71
N ARG A 34 -25.61 -14.98 -7.55
CA ARG A 34 -25.24 -15.62 -6.30
C ARG A 34 -26.45 -15.61 -5.38
N GLU A 35 -26.82 -16.79 -4.89
CA GLU A 35 -27.89 -16.92 -3.90
C GLU A 35 -27.47 -16.23 -2.62
N HIS A 36 -28.44 -15.69 -1.89
CA HIS A 36 -28.14 -15.01 -0.63
C HIS A 36 -27.24 -15.88 0.26
N GLY A 37 -27.59 -17.15 0.41
CA GLY A 37 -26.82 -18.04 1.27
C GLY A 37 -25.46 -18.49 0.74
N SER A 38 -25.20 -18.28 -0.55
CA SER A 38 -24.10 -18.95 -1.24
C SER A 38 -22.81 -18.13 -1.30
N ASP A 39 -21.68 -18.82 -1.25
CA ASP A 39 -20.37 -18.17 -1.24
C ASP A 39 -19.80 -18.05 -2.64
N GLU A 40 -20.45 -18.65 -3.64
CA GLU A 40 -19.90 -18.72 -4.99
C GLU A 40 -20.84 -18.15 -6.05
N TRP A 41 -20.26 -17.36 -6.94
CA TRP A 41 -20.96 -16.86 -8.13
C TRP A 41 -21.13 -17.99 -9.13
N VAL A 42 -22.27 -18.01 -9.81
CA VAL A 42 -22.53 -19.00 -10.83
C VAL A 42 -22.88 -18.31 -12.15
N ALA A 43 -22.28 -18.80 -13.23
CA ALA A 43 -22.45 -18.23 -14.56
C ALA A 43 -23.81 -18.61 -15.12
N MET A 44 -24.53 -17.60 -15.63
CA MET A 44 -25.78 -17.86 -16.33
C MET A 44 -25.48 -18.04 -17.80
N THR A 45 -26.39 -18.70 -18.50
CA THR A 45 -26.21 -19.00 -19.93
C THR A 45 -27.04 -18.05 -20.78
N LYS A 46 -26.40 -17.42 -21.75
CA LYS A 46 -27.07 -16.49 -22.65
C LYS A 46 -28.03 -17.22 -23.55
N GLY A 47 -29.30 -16.83 -23.51
CA GLY A 47 -30.31 -17.34 -24.44
C GLY A 47 -30.69 -16.26 -25.43
N GLU A 48 -31.84 -16.46 -26.07
CA GLU A 48 -32.35 -15.50 -27.05
C GLU A 48 -32.99 -14.28 -26.37
N GLY A 49 -32.97 -13.16 -27.08
CA GLY A 49 -33.70 -11.96 -26.67
C GLY A 49 -33.43 -11.49 -25.25
N GLY A 50 -32.17 -11.53 -24.85
CA GLY A 50 -31.74 -11.03 -23.55
C GLY A 50 -32.04 -11.95 -22.38
N VAL A 51 -32.47 -13.18 -22.66
CA VAL A 51 -32.82 -14.11 -21.60
C VAL A 51 -31.60 -14.89 -21.12
N TRP A 52 -31.37 -14.86 -19.81
CA TRP A 52 -30.26 -15.58 -19.19
C TRP A 52 -30.83 -16.63 -18.27
N THR A 53 -30.24 -17.83 -18.27
CA THR A 53 -30.77 -18.93 -17.49
C THR A 53 -29.72 -19.63 -16.65
N PHE A 54 -30.16 -20.16 -15.51
CA PHE A 54 -29.33 -21.04 -14.71
C PHE A 54 -30.11 -22.26 -14.26
N ASP A 55 -29.51 -23.44 -14.48
CA ASP A 55 -30.05 -24.71 -14.06
C ASP A 55 -29.24 -25.25 -12.90
N SER A 56 -29.92 -25.51 -11.78
CA SER A 56 -29.27 -25.88 -10.54
C SER A 56 -29.50 -27.34 -10.19
N GLU A 57 -28.46 -27.97 -9.64
CA GLU A 57 -28.54 -29.34 -9.15
C GLU A 57 -29.42 -29.39 -7.91
N GLU A 58 -29.14 -28.49 -6.96
CA GLU A 58 -29.93 -28.34 -5.74
C GLU A 58 -30.92 -27.19 -5.89
N PRO A 59 -31.98 -27.17 -5.04
CA PRO A 59 -32.93 -26.06 -5.10
C PRO A 59 -32.27 -24.70 -4.88
N LEU A 60 -32.69 -23.72 -5.66
CA LEU A 60 -32.20 -22.35 -5.51
C LEU A 60 -33.07 -21.64 -4.50
N GLN A 61 -32.45 -20.81 -3.66
CA GLN A 61 -33.20 -20.03 -2.68
C GLN A 61 -32.68 -18.60 -2.71
N GLY A 62 -33.53 -17.67 -3.11
CA GLY A 62 -33.15 -16.26 -3.13
C GLY A 62 -33.14 -15.68 -1.72
N PRO A 63 -32.96 -14.36 -1.59
CA PRO A 63 -32.78 -13.37 -2.65
C PRO A 63 -31.55 -13.62 -3.52
N PHE A 64 -31.56 -13.10 -4.74
CA PHE A 64 -30.50 -13.34 -5.71
C PHE A 64 -29.70 -12.07 -6.00
N ASN A 65 -28.38 -12.20 -5.86
CA ASN A 65 -27.43 -11.17 -6.24
C ASN A 65 -26.99 -11.45 -7.66
N PHE A 66 -26.74 -10.39 -8.44
CA PHE A 66 -26.22 -10.55 -9.78
C PHE A 66 -24.99 -9.68 -10.00
N ARG A 67 -24.06 -10.20 -10.79
CA ARG A 67 -23.01 -9.39 -11.40
C ARG A 67 -22.98 -9.66 -12.89
N PHE A 68 -22.42 -8.72 -13.63
CA PHE A 68 -22.39 -8.85 -15.06
C PHE A 68 -21.23 -8.08 -15.69
N LEU A 69 -20.95 -8.45 -16.93
CA LEU A 69 -19.98 -7.78 -17.76
C LEU A 69 -20.70 -7.45 -19.06
N THR A 70 -20.69 -6.17 -19.43
CA THR A 70 -21.32 -5.75 -20.67
C THR A 70 -20.36 -5.90 -21.83
N GLU A 71 -20.88 -5.88 -23.05
CA GLU A 71 -20.04 -5.97 -24.24
C GLU A 71 -19.10 -4.76 -24.35
N LYS A 72 -19.53 -3.61 -23.86
CA LYS A 72 -18.68 -2.42 -23.82
C LYS A 72 -17.66 -2.45 -22.66
N GLY A 73 -17.77 -3.43 -21.75
CA GLY A 73 -16.76 -3.64 -20.71
C GLY A 73 -17.12 -3.15 -19.32
N MET A 74 -18.39 -2.81 -19.11
CA MET A 74 -18.84 -2.34 -17.80
C MET A 74 -19.08 -3.53 -16.89
N LYS A 75 -18.50 -3.49 -15.68
CA LYS A 75 -18.71 -4.54 -14.70
C LYS A 75 -19.45 -3.96 -13.50
N ASN A 76 -20.51 -4.65 -13.05
CA ASN A 76 -21.28 -4.23 -11.87
C ASN A 76 -21.82 -5.41 -11.10
N VAL A 77 -22.18 -5.15 -9.84
CA VAL A 77 -22.85 -6.13 -9.00
C VAL A 77 -24.03 -5.46 -8.29
N PHE A 78 -25.15 -6.17 -8.26
CA PHE A 78 -26.35 -5.70 -7.60
C PHE A 78 -26.86 -6.77 -6.67
N ASP A 79 -26.91 -6.43 -5.38
CA ASP A 79 -27.30 -7.37 -4.35
C ASP A 79 -28.82 -7.46 -4.25
N ASP A 80 -29.29 -8.66 -3.91
CA ASP A 80 -30.71 -8.89 -3.60
C ASP A 80 -31.65 -8.20 -4.59
N VAL A 81 -31.43 -8.40 -5.87
CA VAL A 81 -32.25 -7.79 -6.91
C VAL A 81 -33.57 -8.54 -7.08
N VAL A 82 -33.48 -9.86 -7.11
CA VAL A 82 -34.66 -10.71 -7.25
C VAL A 82 -34.90 -11.36 -5.89
N PRO A 83 -36.12 -11.22 -5.36
CA PRO A 83 -36.38 -11.71 -4.01
C PRO A 83 -36.53 -13.23 -3.96
N GLU A 84 -36.50 -13.78 -2.76
CA GLU A 84 -36.70 -15.20 -2.53
C GLU A 84 -38.04 -15.65 -3.12
N LYS A 85 -39.10 -14.96 -2.71
CA LYS A 85 -40.43 -15.25 -3.19
C LYS A 85 -40.75 -14.30 -4.33
N TYR A 86 -40.16 -14.57 -5.49
CA TYR A 86 -40.37 -13.76 -6.68
C TYR A 86 -41.61 -14.21 -7.43
N THR A 87 -42.09 -13.35 -8.33
CA THR A 87 -43.24 -13.64 -9.17
C THR A 87 -42.80 -13.69 -10.64
N ILE A 88 -43.17 -14.76 -11.32
CA ILE A 88 -42.88 -14.88 -12.75
C ILE A 88 -43.60 -13.76 -13.50
N GLY A 89 -42.85 -13.07 -14.37
CA GLY A 89 -43.37 -11.94 -15.14
C GLY A 89 -43.06 -10.60 -14.51
N ALA A 90 -42.63 -10.61 -13.24
CA ALA A 90 -42.32 -9.38 -12.53
C ALA A 90 -40.92 -8.88 -12.90
N THR A 91 -40.80 -7.57 -13.06
CA THR A 91 -39.52 -6.95 -13.34
C THR A 91 -38.93 -6.37 -12.05
N TYR A 92 -37.70 -6.75 -11.77
CA TYR A 92 -36.99 -6.28 -10.58
C TYR A 92 -35.82 -5.41 -11.02
N ALA A 93 -35.63 -4.31 -10.31
CA ALA A 93 -34.56 -3.37 -10.62
C ALA A 93 -33.92 -2.93 -9.32
N PRO A 94 -32.61 -2.61 -9.36
CA PRO A 94 -31.90 -2.14 -8.17
C PRO A 94 -32.65 -1.05 -7.41
N VAL B 1 -14.36 8.56 -10.70
CA VAL B 1 -14.66 8.28 -9.26
C VAL B 1 -13.37 8.24 -8.45
N GLN B 2 -13.40 8.84 -7.26
CA GLN B 2 -12.26 8.84 -6.36
C GLN B 2 -12.69 8.54 -4.94
N LEU B 3 -11.80 7.90 -4.18
CA LEU B 3 -12.06 7.51 -2.80
C LEU B 3 -11.01 8.10 -1.89
N LEU B 4 -11.43 8.54 -0.70
CA LEU B 4 -10.49 9.12 0.24
C LEU B 4 -10.83 8.71 1.66
N GLU B 5 -9.87 8.05 2.31
CA GLU B 5 -10.01 7.68 3.71
C GLU B 5 -9.84 8.89 4.60
N SER B 6 -10.61 8.94 5.68
CA SER B 6 -10.39 9.93 6.72
C SER B 6 -10.68 9.27 8.05
N GLY B 7 -10.12 9.83 9.11
CA GLY B 7 -10.36 9.38 10.47
C GLY B 7 -9.07 9.40 11.26
N PRO B 8 -9.18 9.26 12.59
CA PRO B 8 -8.00 9.27 13.47
C PRO B 8 -6.89 8.32 13.03
N GLY B 9 -5.65 8.76 13.15
CA GLY B 9 -4.47 7.90 12.90
C GLY B 9 -3.96 7.26 14.18
N LEU B 10 -4.62 7.56 15.29
CA LEU B 10 -4.24 7.08 16.60
C LEU B 10 -5.48 6.64 17.36
N VAL B 11 -5.50 5.40 17.82
CA VAL B 11 -6.66 4.84 18.54
C VAL B 11 -6.13 4.09 19.76
N LYS B 12 -6.74 4.32 20.91
CA LYS B 12 -6.34 3.64 22.13
C LYS B 12 -6.78 2.18 22.12
N PRO B 13 -5.93 1.27 22.65
CA PRO B 13 -6.32 -0.12 22.73
C PRO B 13 -7.65 -0.28 23.47
N ALA B 14 -8.43 -1.27 23.07
CA ALA B 14 -9.77 -1.55 23.61
C ALA B 14 -10.84 -0.55 23.14
N GLN B 15 -10.45 0.52 22.45
CA GLN B 15 -11.42 1.46 21.90
C GLN B 15 -11.75 1.08 20.46
N THR B 16 -12.68 1.83 19.86
CA THR B 16 -13.11 1.58 18.49
C THR B 16 -12.35 2.45 17.52
N LEU B 17 -11.82 1.78 16.49
CA LEU B 17 -11.16 2.41 15.37
C LEU B 17 -12.27 2.75 14.39
N SER B 18 -12.36 4.03 14.02
CA SER B 18 -13.38 4.47 13.08
C SER B 18 -12.71 5.14 11.90
N LEU B 19 -13.11 4.71 10.71
CA LEU B 19 -12.65 5.34 9.48
C LEU B 19 -13.83 5.53 8.55
N SER B 20 -13.75 6.59 7.74
CA SER B 20 -14.74 6.85 6.72
C SER B 20 -14.05 6.97 5.38
N CYS B 21 -14.79 6.67 4.31
CA CYS B 21 -14.29 6.76 2.95
C CYS B 21 -15.26 7.61 2.13
N ALA B 22 -14.79 8.78 1.69
CA ALA B 22 -15.60 9.71 0.94
C ALA B 22 -15.49 9.38 -0.54
N VAL B 23 -16.63 9.18 -1.19
CA VAL B 23 -16.67 8.88 -2.61
C VAL B 23 -17.01 10.15 -3.35
N SER B 24 -16.25 10.48 -4.38
CA SER B 24 -16.56 11.64 -5.22
C SER B 24 -16.63 11.19 -6.67
N GLY B 25 -17.33 11.97 -7.49
CA GLY B 25 -17.45 11.69 -8.92
C GLY B 25 -18.40 10.54 -9.23
N GLY B 26 -19.20 10.15 -8.24
CA GLY B 26 -20.12 9.03 -8.38
C GLY B 26 -20.99 8.91 -7.16
N SER B 27 -22.18 8.35 -7.33
CA SER B 27 -23.14 8.23 -6.22
C SER B 27 -23.20 6.79 -5.73
N ILE B 28 -23.02 6.62 -4.42
CA ILE B 28 -23.10 5.31 -3.80
C ILE B 28 -24.51 4.73 -3.91
N ARG B 29 -25.52 5.60 -3.81
CA ARG B 29 -26.92 5.18 -3.84
C ARG B 29 -27.37 4.53 -5.16
N SER B 30 -26.62 4.77 -6.23
CA SER B 30 -26.95 4.22 -7.55
C SER B 30 -26.80 2.71 -7.61
N GLY B 31 -26.00 2.15 -6.69
CA GLY B 31 -25.78 0.70 -6.66
C GLY B 31 -24.71 0.33 -7.67
N GLY B 32 -24.49 -0.97 -7.82
CA GLY B 32 -23.55 -1.48 -8.81
C GLY B 32 -22.20 -1.89 -8.26
N TYR B 33 -21.94 -1.58 -7.00
CA TYR B 33 -20.63 -1.80 -6.38
C TYR B 33 -20.74 -2.25 -4.95
N TYR B 34 -19.74 -3.00 -4.51
CA TYR B 34 -19.50 -3.23 -3.11
C TYR B 34 -18.43 -2.24 -2.67
N TRP B 35 -18.59 -1.69 -1.48
CA TRP B 35 -17.68 -0.70 -0.95
C TRP B 35 -16.85 -1.38 0.12
N SER B 36 -15.54 -1.33 -0.06
CA SER B 36 -14.61 -2.27 0.58
C SER B 36 -13.60 -1.61 1.49
N TRP B 37 -13.20 -2.37 2.51
CA TRP B 37 -12.09 -2.01 3.39
C TRP B 37 -11.11 -3.18 3.42
N ILE B 38 -9.85 -2.86 3.16
CA ILE B 38 -8.76 -3.82 3.11
C ILE B 38 -7.62 -3.16 3.86
N ARG B 39 -6.84 -3.95 4.57
CA ARG B 39 -5.72 -3.39 5.33
C ARG B 39 -4.46 -4.20 5.12
N GLN B 40 -3.35 -3.59 5.52
CA GLN B 40 -2.10 -4.27 5.55
C GLN B 40 -1.35 -3.97 6.84
N HIS B 41 -1.15 -5.03 7.62
CA HIS B 41 -0.31 -5.00 8.81
C HIS B 41 1.15 -5.13 8.36
N PRO B 42 2.06 -4.33 8.96
CA PRO B 42 3.49 -4.29 8.69
C PRO B 42 4.10 -5.43 7.88
N GLY B 43 4.43 -6.58 8.47
CA GLY B 43 5.13 -7.60 7.67
C GLY B 43 4.23 -8.56 6.91
N LYS B 44 2.97 -8.16 6.65
CA LYS B 44 1.99 -9.13 6.16
C LYS B 44 1.46 -8.72 4.79
N GLY B 45 0.63 -9.58 4.21
CA GLY B 45 -0.04 -9.27 2.96
C GLY B 45 -1.28 -8.42 3.15
N LEU B 46 -2.00 -8.26 2.05
CA LEU B 46 -3.29 -7.58 2.06
C LEU B 46 -4.33 -8.44 2.74
N GLU B 47 -5.04 -7.86 3.71
CA GLU B 47 -6.09 -8.58 4.44
C GLU B 47 -7.41 -7.87 4.26
N TRP B 48 -8.41 -8.63 3.84
CA TRP B 48 -9.78 -8.16 3.80
C TRP B 48 -10.29 -7.80 5.19
N ILE B 49 -10.99 -6.68 5.26
CA ILE B 49 -11.78 -6.36 6.43
C ILE B 49 -13.21 -6.75 6.09
N GLY B 50 -13.76 -6.13 5.05
CA GLY B 50 -15.08 -6.50 4.57
C GLY B 50 -15.57 -5.54 3.52
N TYR B 51 -16.77 -5.82 3.02
CA TYR B 51 -17.42 -4.92 2.08
C TYR B 51 -18.91 -4.81 2.34
N ILE B 52 -19.49 -3.72 1.85
CA ILE B 52 -20.87 -3.40 2.15
C ILE B 52 -21.54 -2.92 0.88
N TYR B 53 -22.78 -3.38 0.69
CA TYR B 53 -23.62 -2.89 -0.40
C TYR B 53 -24.44 -1.73 0.16
N HIS B 54 -24.73 -0.73 -0.68
CA HIS B 54 -25.35 0.52 -0.20
C HIS B 54 -26.71 0.32 0.45
N SER B 55 -27.44 -0.70 -0.01
CA SER B 55 -28.72 -1.09 0.57
C SER B 55 -28.55 -1.56 2.02
N GLY B 56 -27.36 -2.05 2.36
CA GLY B 56 -27.03 -2.37 3.76
C GLY B 56 -26.34 -3.70 3.97
N ASN B 57 -26.52 -4.62 3.03
CA ASN B 57 -25.86 -5.93 3.06
C ASN B 57 -24.37 -5.79 3.27
N THR B 58 -23.83 -6.59 4.19
CA THR B 58 -22.43 -6.49 4.59
C THR B 58 -21.80 -7.87 4.55
N TYR B 59 -20.54 -7.90 4.18
CA TYR B 59 -19.76 -9.12 4.03
C TYR B 59 -18.47 -8.88 4.76
N TYR B 60 -18.21 -9.67 5.80
CA TYR B 60 -17.06 -9.42 6.66
C TYR B 60 -16.08 -10.59 6.64
N ASN B 61 -14.79 -10.28 6.78
CA ASN B 61 -13.79 -11.29 7.00
C ASN B 61 -14.17 -12.07 8.27
N PRO B 62 -14.40 -13.39 8.15
CA PRO B 62 -14.86 -14.18 9.30
C PRO B 62 -14.03 -14.02 10.56
N SER B 63 -12.72 -13.84 10.42
CA SER B 63 -11.84 -13.69 11.57
C SER B 63 -11.99 -12.34 12.28
N LEU B 64 -12.65 -11.39 11.63
CA LEU B 64 -12.85 -10.06 12.19
C LEU B 64 -14.31 -9.70 12.44
N LYS B 65 -15.25 -10.46 11.87
CA LYS B 65 -16.66 -10.08 11.81
C LYS B 65 -17.29 -9.68 13.16
N SER B 66 -16.90 -10.34 14.25
CA SER B 66 -17.42 -10.02 15.58
C SER B 66 -17.09 -8.59 16.04
N ARG B 67 -15.94 -8.08 15.59
CA ARG B 67 -15.47 -6.74 15.99
C ARG B 67 -15.76 -5.65 14.96
N ILE B 68 -16.33 -6.04 13.82
CA ILE B 68 -16.42 -5.13 12.70
C ILE B 68 -17.86 -4.68 12.44
N ALA B 69 -18.04 -3.39 12.21
CA ALA B 69 -19.31 -2.86 11.76
C ALA B 69 -19.03 -1.83 10.67
N MET B 70 -19.62 -2.05 9.51
CA MET B 70 -19.49 -1.11 8.42
C MET B 70 -20.82 -0.43 8.20
N SER B 71 -20.77 0.77 7.66
CA SER B 71 -21.97 1.55 7.39
C SER B 71 -21.81 2.28 6.07
N VAL B 72 -22.94 2.69 5.51
CA VAL B 72 -22.99 3.57 4.35
C VAL B 72 -23.92 4.75 4.65
N ASP B 73 -23.54 5.92 4.11
CA ASP B 73 -24.33 7.14 4.21
C ASP B 73 -24.50 7.70 2.79
N THR B 74 -25.63 7.36 2.18
CA THR B 74 -25.96 7.80 0.81
C THR B 74 -26.10 9.33 0.67
N SER B 75 -26.54 9.99 1.74
CA SER B 75 -26.76 11.44 1.70
C SER B 75 -25.44 12.21 1.67
N GLU B 76 -24.42 11.67 2.34
CA GLU B 76 -23.08 12.27 2.36
C GLU B 76 -22.13 11.60 1.36
N ASN B 77 -22.58 10.51 0.73
CA ASN B 77 -21.81 9.76 -0.26
C ASN B 77 -20.51 9.20 0.30
N LYS B 78 -20.63 8.58 1.46
CA LYS B 78 -19.48 8.02 2.16
C LYS B 78 -19.88 6.66 2.73
N PHE B 79 -18.87 5.81 2.95
CA PHE B 79 -19.06 4.60 3.73
C PHE B 79 -17.97 4.47 4.75
N SER B 80 -18.27 3.76 5.82
CA SER B 80 -17.42 3.80 7.00
C SER B 80 -17.21 2.43 7.61
N LEU B 81 -16.23 2.40 8.50
CA LEU B 81 -15.84 1.20 9.22
C LEU B 81 -15.73 1.55 10.69
N ARG B 82 -16.26 0.68 11.55
CA ARG B 82 -15.97 0.71 12.98
C ARG B 82 -15.41 -0.65 13.36
N LEU B 83 -14.19 -0.67 13.91
CA LEU B 83 -13.58 -1.90 14.38
C LEU B 83 -13.36 -1.77 15.87
N ASN B 84 -14.14 -2.53 16.63
CA ASN B 84 -14.17 -2.42 18.09
C ASN B 84 -13.01 -3.13 18.74
N SER B 85 -12.79 -2.78 20.01
CA SER B 85 -11.90 -3.48 20.93
C SER B 85 -10.54 -3.73 20.30
N VAL B 86 -9.98 -2.67 19.73
CA VAL B 86 -8.75 -2.83 18.97
C VAL B 86 -7.56 -3.17 19.84
N THR B 87 -6.59 -3.86 19.24
CA THR B 87 -5.29 -4.11 19.84
C THR B 87 -4.21 -3.68 18.85
N ALA B 88 -2.94 -3.84 19.26
CA ALA B 88 -1.79 -3.54 18.41
C ALA B 88 -1.79 -4.33 17.10
N ALA B 89 -2.48 -5.47 17.08
CA ALA B 89 -2.60 -6.26 15.85
C ALA B 89 -3.41 -5.53 14.78
N ASP B 90 -4.20 -4.53 15.19
CA ASP B 90 -4.97 -3.75 14.25
C ASP B 90 -4.20 -2.54 13.71
N THR B 91 -2.97 -2.34 14.18
CA THR B 91 -2.09 -1.33 13.59
C THR B 91 -1.80 -1.74 12.14
N ALA B 92 -2.16 -0.86 11.22
CA ALA B 92 -2.10 -1.20 9.82
C ALA B 92 -2.38 0.02 8.99
N VAL B 93 -2.06 -0.09 7.70
CA VAL B 93 -2.56 0.86 6.73
C VAL B 93 -3.90 0.32 6.27
N TYR B 94 -4.92 1.17 6.35
CA TYR B 94 -6.27 0.85 6.00
C TYR B 94 -6.64 1.50 4.69
N TYR B 95 -7.07 0.68 3.73
CA TYR B 95 -7.47 1.17 2.41
C TYR B 95 -8.96 0.98 2.23
N CYS B 96 -9.63 1.99 1.69
CA CYS B 96 -10.96 1.80 1.18
C CYS B 96 -10.85 1.58 -0.34
N ALA B 97 -11.81 0.84 -0.91
CA ALA B 97 -11.76 0.45 -2.30
C ALA B 97 -13.15 0.18 -2.84
N ARG B 98 -13.28 0.29 -4.17
CA ARG B 98 -14.52 0.00 -4.86
C ARG B 98 -14.41 -1.35 -5.55
N LEU B 99 -15.35 -2.22 -5.27
CA LEU B 99 -15.40 -3.56 -5.85
C LEU B 99 -16.59 -3.62 -6.81
N ASP B 100 -16.33 -3.93 -8.09
CA ASP B 100 -17.40 -3.93 -9.11
C ASP B 100 -18.10 -5.28 -9.26
N GLY B 101 -17.88 -6.17 -8.31
CA GLY B 101 -18.40 -7.53 -8.38
C GLY B 101 -17.30 -8.51 -8.73
N TYR B 102 -16.30 -8.03 -9.47
CA TYR B 102 -15.17 -8.82 -9.93
C TYR B 102 -13.83 -8.31 -9.43
N THR B 103 -13.61 -7.00 -9.55
CA THR B 103 -12.31 -6.40 -9.30
C THR B 103 -12.43 -5.22 -8.34
N LEU B 104 -11.32 -4.93 -7.68
CA LEU B 104 -11.19 -3.71 -6.89
C LEU B 104 -10.49 -2.71 -7.81
N ASP B 105 -11.27 -1.92 -8.52
CA ASP B 105 -10.73 -1.08 -9.58
C ASP B 105 -10.24 0.27 -9.10
N ILE B 106 -10.90 0.82 -8.09
CA ILE B 106 -10.52 2.13 -7.57
C ILE B 106 -10.23 2.02 -6.09
N TRP B 107 -9.11 2.59 -5.68
CA TRP B 107 -8.66 2.52 -4.29
C TRP B 107 -8.45 3.92 -3.74
N GLY B 108 -8.60 4.05 -2.42
CA GLY B 108 -8.14 5.25 -1.73
C GLY B 108 -6.64 5.20 -1.57
N GLN B 109 -6.06 6.21 -0.93
CA GLN B 109 -4.62 6.32 -0.78
C GLN B 109 -4.07 5.49 0.38
N GLY B 110 -4.96 5.02 1.24
CA GLY B 110 -4.59 4.32 2.45
C GLY B 110 -4.34 5.31 3.57
N THR B 111 -4.66 4.89 4.79
CA THR B 111 -4.41 5.71 5.96
C THR B 111 -3.88 4.84 7.08
N LEU B 112 -2.78 5.28 7.69
CA LEU B 112 -2.18 4.54 8.79
C LEU B 112 -2.99 4.75 10.06
N VAL B 113 -3.27 3.66 10.75
CA VAL B 113 -3.82 3.73 12.10
C VAL B 113 -2.87 3.01 13.02
N THR B 114 -2.43 3.71 14.06
CA THR B 114 -1.57 3.14 15.09
C THR B 114 -2.41 2.98 16.35
N VAL B 115 -2.43 1.77 16.90
CA VAL B 115 -3.17 1.48 18.14
C VAL B 115 -2.21 1.73 19.30
N SER B 116 -2.65 2.57 20.23
CA SER B 116 -1.87 3.75 20.66
C SER B 116 -1.63 4.18 22.12
N SER B 117 -0.79 5.23 22.24
CA SER B 117 -0.88 6.27 23.31
C SER B 117 0.03 7.53 23.23
N SER B 118 -0.60 8.65 22.83
CA SER B 118 -0.20 10.08 23.13
C SER B 118 0.68 10.88 22.11
N THR B 119 0.06 11.86 21.45
CA THR B 119 0.67 12.60 20.34
C THR B 119 1.75 13.59 20.75
N LYS B 120 2.84 13.63 19.98
CA LYS B 120 3.91 14.61 20.17
C LYS B 120 4.48 15.04 18.83
N GLY B 121 4.71 16.34 18.67
CA GLY B 121 5.30 16.89 17.45
C GLY B 121 6.81 16.82 17.46
N PRO B 122 7.44 16.79 16.28
CA PRO B 122 8.89 16.61 16.16
C PRO B 122 9.69 17.86 16.45
N SER B 123 10.92 17.67 16.89
CA SER B 123 11.95 18.70 16.79
C SER B 123 12.70 18.45 15.49
N VAL B 124 13.09 19.51 14.81
CA VAL B 124 13.77 19.36 13.53
C VAL B 124 15.14 20.04 13.65
N PHE B 125 16.18 19.28 13.33
CA PHE B 125 17.56 19.77 13.44
C PHE B 125 18.23 19.66 12.07
N PRO B 126 19.08 20.64 11.73
CA PRO B 126 19.80 20.56 10.47
C PRO B 126 20.90 19.52 10.49
N LEU B 127 21.10 18.86 9.35
CA LEU B 127 22.29 18.08 9.08
C LEU B 127 23.08 18.93 8.08
N ALA B 128 24.00 19.74 8.60
CA ALA B 128 24.73 20.73 7.81
C ALA B 128 25.57 20.05 6.75
N PRO B 129 25.68 20.68 5.55
CA PRO B 129 26.33 20.05 4.40
C PRO B 129 27.70 19.44 4.70
N SER B 130 27.80 18.12 4.48
CA SER B 130 29.03 17.37 4.63
C SER B 130 29.56 16.99 3.25
N SER B 131 30.85 17.16 3.04
CA SER B 131 31.43 17.13 1.69
C SER B 131 31.75 15.71 1.23
N SER B 135 32.33 12.51 -1.60
CA SER B 135 32.36 13.12 -2.92
C SER B 135 33.01 14.50 -2.88
N GLY B 136 34.12 14.64 -3.58
CA GLY B 136 34.18 15.48 -4.77
C GLY B 136 32.79 15.84 -5.29
N GLY B 137 32.78 16.88 -5.89
CA GLY B 137 31.63 17.34 -6.67
C GLY B 137 30.40 17.62 -5.83
N THR B 138 30.13 16.76 -4.85
CA THR B 138 28.82 16.72 -4.19
C THR B 138 28.84 16.96 -2.68
N ALA B 139 27.74 17.51 -2.19
CA ALA B 139 27.53 17.71 -0.76
C ALA B 139 26.23 17.03 -0.36
N ALA B 140 26.22 16.39 0.81
CA ALA B 140 25.02 15.85 1.38
C ALA B 140 24.59 16.80 2.48
N LEU B 141 23.30 17.11 2.52
CA LEU B 141 22.72 17.86 3.63
C LEU B 141 21.38 17.25 3.98
N GLY B 142 20.83 17.62 5.11
CA GLY B 142 19.55 17.06 5.49
C GLY B 142 18.93 17.67 6.71
N CYS B 143 17.86 17.04 7.17
CA CYS B 143 17.16 17.40 8.39
C CYS B 143 16.91 16.16 9.21
N LEU B 144 17.22 16.26 10.51
CA LEU B 144 16.89 15.22 11.47
C LEU B 144 15.55 15.58 12.11
N VAL B 145 14.58 14.69 11.96
CA VAL B 145 13.22 14.89 12.48
C VAL B 145 13.03 13.94 13.67
N LYS B 146 13.13 14.49 14.87
CA LYS B 146 13.31 13.67 16.06
C LYS B 146 12.12 13.79 17.02
N ASP B 147 11.76 12.64 17.61
CA ASP B 147 10.96 12.59 18.83
C ASP B 147 9.51 13.00 18.61
N TYR B 148 8.84 12.31 17.68
CA TYR B 148 7.44 12.55 17.40
C TYR B 148 6.62 11.27 17.55
N PHE B 149 5.32 11.46 17.74
CA PHE B 149 4.38 10.36 17.76
C PHE B 149 2.96 10.84 17.44
N PRO B 150 2.19 10.07 16.68
CA PRO B 150 2.52 8.84 15.96
C PRO B 150 3.11 9.14 14.59
N GLU B 151 3.38 8.11 13.81
CA GLU B 151 3.58 8.29 12.37
C GLU B 151 2.28 8.81 11.75
N PRO B 152 2.37 9.45 10.57
CA PRO B 152 3.56 9.77 9.82
C PRO B 152 3.97 11.24 9.95
N VAL B 153 5.19 11.52 9.50
CA VAL B 153 5.59 12.87 9.15
C VAL B 153 5.80 12.92 7.64
N THR B 154 5.72 14.11 7.09
CA THR B 154 6.09 14.31 5.68
C THR B 154 7.20 15.34 5.65
N VAL B 155 8.19 15.09 4.79
CA VAL B 155 9.29 16.03 4.59
C VAL B 155 9.40 16.37 3.11
N SER B 156 9.51 17.66 2.83
CA SER B 156 9.83 18.12 1.50
C SER B 156 11.00 19.08 1.60
N TRP B 157 11.52 19.45 0.44
CA TRP B 157 12.63 20.37 0.39
C TRP B 157 12.26 21.50 -0.52
N ASN B 158 12.56 22.72 -0.07
CA ASN B 158 12.31 23.92 -0.84
C ASN B 158 10.90 23.96 -1.40
N SER B 159 9.93 23.68 -0.52
CA SER B 159 8.49 23.71 -0.82
C SER B 159 8.06 22.69 -1.88
N GLY B 160 8.84 21.62 -2.04
CA GLY B 160 8.62 20.64 -3.11
C GLY B 160 9.38 20.89 -4.41
N ALA B 161 10.03 22.04 -4.52
CA ALA B 161 10.86 22.35 -5.69
C ALA B 161 12.06 21.40 -5.84
N LEU B 162 12.60 20.94 -4.70
CA LEU B 162 13.78 20.07 -4.71
C LEU B 162 13.35 18.63 -4.44
N THR B 163 13.47 17.78 -5.46
CA THR B 163 13.08 16.38 -5.32
C THR B 163 14.17 15.40 -5.70
N SER B 164 15.01 15.77 -6.66
CA SER B 164 16.09 14.90 -7.13
C SER B 164 17.15 14.73 -6.05
N GLY B 165 17.56 13.49 -5.85
CA GLY B 165 18.55 13.15 -4.85
C GLY B 165 18.07 13.12 -3.41
N VAL B 166 16.78 13.31 -3.18
CA VAL B 166 16.26 13.34 -1.83
C VAL B 166 16.00 11.92 -1.37
N HIS B 167 16.45 11.59 -0.16
CA HIS B 167 16.13 10.31 0.48
C HIS B 167 15.59 10.61 1.85
N THR B 168 14.32 10.30 2.07
CA THR B 168 13.70 10.41 3.37
C THR B 168 13.59 9.00 3.91
N PHE B 169 14.26 8.75 5.03
CA PHE B 169 14.35 7.40 5.56
C PHE B 169 13.09 7.01 6.31
N PRO B 170 12.81 5.70 6.35
CA PRO B 170 11.72 5.26 7.20
C PRO B 170 12.01 5.64 8.63
N ALA B 171 10.98 6.04 9.36
CA ALA B 171 11.10 6.35 10.78
C ALA B 171 11.51 5.10 11.54
N VAL B 172 12.26 5.29 12.61
CA VAL B 172 12.62 4.22 13.50
C VAL B 172 12.01 4.56 14.85
N LEU B 173 11.41 3.56 15.48
CA LEU B 173 10.85 3.73 16.80
C LEU B 173 11.98 3.62 17.79
N GLN B 174 12.21 4.70 18.52
CA GLN B 174 13.27 4.74 19.51
C GLN B 174 12.80 4.06 20.79
N SER B 175 13.73 3.69 21.66
CA SER B 175 13.40 3.07 22.93
C SER B 175 12.54 3.97 23.84
N SER B 176 12.55 5.27 23.57
CA SER B 176 11.69 6.23 24.27
C SER B 176 10.21 6.14 23.86
N GLY B 177 9.93 5.37 22.80
CA GLY B 177 8.56 5.20 22.30
C GLY B 177 8.20 6.26 21.27
N LEU B 178 9.18 7.09 20.91
CA LEU B 178 9.00 8.14 19.92
C LEU B 178 9.79 7.81 18.67
N TYR B 179 9.32 8.35 17.55
CA TYR B 179 9.95 8.09 16.27
C TYR B 179 10.98 9.13 15.95
N SER B 180 11.90 8.73 15.08
CA SER B 180 12.89 9.63 14.52
C SER B 180 13.17 9.23 13.09
N LEU B 181 13.44 10.21 12.23
CA LEU B 181 13.94 9.93 10.88
C LEU B 181 14.80 11.10 10.40
N SER B 182 15.62 10.83 9.38
CA SER B 182 16.34 11.88 8.69
C SER B 182 15.86 11.94 7.25
N SER B 183 15.84 13.15 6.70
CA SER B 183 15.72 13.31 5.26
C SER B 183 17.00 13.94 4.79
N VAL B 184 17.60 13.39 3.74
CA VAL B 184 18.86 13.90 3.23
C VAL B 184 18.75 14.19 1.73
N VAL B 185 19.62 15.05 1.25
CA VAL B 185 19.66 15.37 -0.18
C VAL B 185 21.09 15.66 -0.54
N THR B 186 21.50 15.18 -1.71
CA THR B 186 22.83 15.46 -2.22
C THR B 186 22.71 16.54 -3.28
N VAL B 187 23.61 17.50 -3.24
CA VAL B 187 23.56 18.63 -4.15
C VAL B 187 24.98 18.91 -4.62
N PRO B 188 25.13 19.66 -5.72
CA PRO B 188 26.50 20.00 -6.14
C PRO B 188 27.17 20.88 -5.11
N SER B 189 28.44 20.61 -4.79
CA SER B 189 29.19 21.47 -3.86
C SER B 189 29.17 22.94 -4.32
N SER B 190 29.17 23.14 -5.64
CA SER B 190 29.15 24.48 -6.22
C SER B 190 27.90 25.29 -5.85
N SER B 191 26.80 24.61 -5.55
CA SER B 191 25.53 25.28 -5.24
C SER B 191 25.42 25.79 -3.81
N LEU B 192 26.31 25.34 -2.93
CA LEU B 192 26.21 25.67 -1.50
C LEU B 192 26.30 27.16 -1.24
N GLY B 193 27.12 27.85 -2.01
CA GLY B 193 27.22 29.31 -1.91
C GLY B 193 25.90 29.98 -2.25
N THR B 194 25.33 29.64 -3.39
CA THR B 194 24.16 30.32 -3.92
C THR B 194 22.82 29.81 -3.36
N GLN B 195 22.53 28.53 -3.61
CA GLN B 195 21.20 27.98 -3.36
C GLN B 195 20.87 27.80 -1.88
N THR B 196 19.67 28.21 -1.50
CA THR B 196 19.13 27.99 -0.15
C THR B 196 18.46 26.62 -0.06
N TYR B 197 18.61 25.95 1.09
CA TYR B 197 18.02 24.64 1.32
C TYR B 197 17.24 24.62 2.63
N ILE B 198 15.93 24.41 2.50
CA ILE B 198 15.01 24.43 3.64
C ILE B 198 14.19 23.17 3.56
N CYS B 199 14.18 22.38 4.63
CA CYS B 199 13.29 21.24 4.70
C CYS B 199 11.98 21.66 5.35
N ASN B 200 10.89 21.13 4.82
CA ASN B 200 9.57 21.45 5.29
C ASN B 200 9.02 20.19 5.93
N VAL B 201 8.83 20.25 7.24
CA VAL B 201 8.43 19.08 8.03
C VAL B 201 7.00 19.30 8.50
N ASN B 202 6.13 18.37 8.16
CA ASN B 202 4.76 18.43 8.59
C ASN B 202 4.39 17.18 9.37
N HIS B 203 3.85 17.37 10.57
CA HIS B 203 3.33 16.30 11.40
C HIS B 203 1.87 16.65 11.70
N LYS B 204 0.98 16.12 10.88
CA LYS B 204 -0.44 16.45 10.99
C LYS B 204 -1.06 16.12 12.36
N PRO B 205 -0.70 14.97 12.97
CA PRO B 205 -1.27 14.66 14.29
C PRO B 205 -1.11 15.77 15.34
N SER B 206 0.01 16.49 15.32
CA SER B 206 0.23 17.59 16.25
C SER B 206 -0.01 18.97 15.64
N ASN B 207 -0.46 19.00 14.38
CA ASN B 207 -0.55 20.22 13.58
C ASN B 207 0.76 21.01 13.68
N THR B 208 1.88 20.31 13.44
CA THR B 208 3.22 20.90 13.55
C THR B 208 3.79 21.04 12.16
N LYS B 209 4.24 22.25 11.85
CA LYS B 209 4.94 22.51 10.61
C LYS B 209 6.19 23.28 10.93
N VAL B 210 7.31 22.82 10.39
CA VAL B 210 8.58 23.46 10.61
C VAL B 210 9.26 23.61 9.27
N ASP B 211 9.79 24.80 9.03
CA ASP B 211 10.70 25.04 7.93
C ASP B 211 12.05 25.26 8.55
N LYS B 212 12.99 24.37 8.29
CA LYS B 212 14.33 24.50 8.84
C LYS B 212 15.32 24.75 7.72
N ARG B 213 16.00 25.90 7.80
CA ARG B 213 17.06 26.23 6.86
C ARG B 213 18.29 25.41 7.22
N VAL B 214 18.91 24.80 6.21
CA VAL B 214 20.11 24.00 6.43
C VAL B 214 21.27 24.70 5.73
N GLU B 215 22.19 25.23 6.53
CA GLU B 215 23.34 26.00 6.01
C GLU B 215 24.66 25.38 6.45
N PRO B 216 25.75 25.63 5.70
CA PRO B 216 27.10 25.18 6.07
C PRO B 216 27.46 25.49 7.52
N GLU C 1 -13.85 -22.38 1.21
CA GLU C 1 -12.73 -21.42 1.09
C GLU C 1 -11.84 -21.80 -0.10
N ILE C 2 -11.37 -20.79 -0.82
CA ILE C 2 -10.43 -20.97 -1.91
C ILE C 2 -9.09 -20.44 -1.46
N GLU C 3 -8.05 -21.25 -1.60
CA GLU C 3 -6.69 -20.80 -1.28
C GLU C 3 -5.98 -20.41 -2.56
N MET C 4 -5.25 -19.31 -2.48
CA MET C 4 -4.51 -18.75 -3.60
C MET C 4 -3.03 -18.68 -3.20
N THR C 5 -2.20 -19.38 -3.93
CA THR C 5 -0.79 -19.53 -3.57
C THR C 5 0.08 -19.10 -4.75
N GLN C 6 0.91 -18.11 -4.49
CA GLN C 6 1.77 -17.53 -5.51
C GLN C 6 3.18 -18.08 -5.40
N SER C 7 3.84 -18.19 -6.55
CA SER C 7 5.23 -18.62 -6.64
C SER C 7 5.93 -17.70 -7.64
N PRO C 8 7.17 -17.29 -7.34
CA PRO C 8 7.89 -17.52 -6.10
C PRO C 8 7.37 -16.58 -5.02
N SER C 9 7.97 -16.65 -3.83
CA SER C 9 7.64 -15.73 -2.74
C SER C 9 8.32 -14.38 -2.98
N SER C 10 9.55 -14.44 -3.46
CA SER C 10 10.29 -13.25 -3.84
C SER C 10 11.25 -13.60 -4.96
N LEU C 11 11.59 -12.58 -5.75
CA LEU C 11 12.58 -12.75 -6.80
C LEU C 11 13.30 -11.45 -7.02
N SER C 12 14.51 -11.56 -7.55
CA SER C 12 15.32 -10.43 -7.96
C SER C 12 15.59 -10.65 -9.44
N ALA C 13 15.31 -9.62 -10.24
CA ALA C 13 15.54 -9.69 -11.68
C ALA C 13 16.02 -8.33 -12.16
N SER C 14 16.69 -8.32 -13.30
CA SER C 14 17.32 -7.14 -13.82
C SER C 14 16.37 -6.35 -14.73
N VAL C 15 16.59 -5.04 -14.81
CA VAL C 15 15.87 -4.23 -15.79
C VAL C 15 16.06 -4.85 -17.16
N GLY C 16 14.96 -4.94 -17.91
CA GLY C 16 14.97 -5.59 -19.22
C GLY C 16 14.60 -7.06 -19.22
N ASP C 17 14.62 -7.70 -18.04
CA ASP C 17 14.27 -9.12 -17.93
C ASP C 17 12.77 -9.33 -18.14
N ARG C 18 12.44 -10.46 -18.75
CA ARG C 18 11.07 -10.96 -18.73
C ARG C 18 10.87 -11.63 -17.37
N VAL C 19 9.92 -11.14 -16.61
CA VAL C 19 9.63 -11.68 -15.27
C VAL C 19 8.27 -12.34 -15.26
N THR C 20 8.19 -13.53 -14.67
CA THR C 20 6.89 -14.15 -14.50
C THR C 20 6.63 -14.49 -13.04
N ILE C 21 5.38 -14.36 -12.65
CA ILE C 21 4.92 -14.69 -11.32
C ILE C 21 3.72 -15.58 -11.50
N SER C 22 3.66 -16.64 -10.71
CA SER C 22 2.58 -17.62 -10.80
C SER C 22 1.60 -17.54 -9.64
N CYS C 23 0.40 -17.99 -9.91
CA CYS C 23 -0.66 -18.03 -8.93
C CYS C 23 -1.46 -19.29 -9.18
N ARG C 24 -1.64 -20.08 -8.12
CA ARG C 24 -2.41 -21.32 -8.18
C ARG C 24 -3.62 -21.26 -7.27
N ALA C 25 -4.78 -21.55 -7.84
CA ALA C 25 -6.03 -21.62 -7.10
C ALA C 25 -6.26 -23.06 -6.65
N SER C 26 -6.82 -23.22 -5.45
CA SER C 26 -7.04 -24.54 -4.86
C SER C 26 -8.18 -25.33 -5.52
N GLN C 27 -9.01 -24.63 -6.29
CA GLN C 27 -10.04 -25.27 -7.10
C GLN C 27 -10.19 -24.49 -8.39
N ARG C 28 -10.87 -25.07 -9.36
CA ARG C 28 -11.06 -24.43 -10.66
C ARG C 28 -11.78 -23.10 -10.48
N ILE C 29 -11.16 -22.04 -10.99
CA ILE C 29 -11.74 -20.70 -10.96
C ILE C 29 -11.79 -20.05 -12.34
N ASN C 30 -11.76 -20.86 -13.40
CA ASN C 30 -11.93 -20.37 -14.77
C ASN C 30 -11.02 -19.17 -15.05
N THR C 31 -11.56 -18.00 -15.38
CA THR C 31 -10.74 -16.79 -15.51
C THR C 31 -11.15 -15.72 -14.50
N TYR C 32 -11.67 -16.15 -13.36
CA TYR C 32 -12.05 -15.26 -12.27
C TYR C 32 -10.80 -14.91 -11.47
N LEU C 33 -9.92 -14.12 -12.07
CA LEU C 33 -8.58 -13.97 -11.56
C LEU C 33 -8.07 -12.57 -11.92
N ASN C 34 -7.67 -11.83 -10.89
CA ASN C 34 -7.13 -10.49 -11.05
C ASN C 34 -5.71 -10.45 -10.55
N TRP C 35 -4.93 -9.49 -11.07
CA TRP C 35 -3.60 -9.21 -10.56
C TRP C 35 -3.48 -7.76 -10.13
N TYR C 36 -2.86 -7.55 -8.97
CA TYR C 36 -2.58 -6.21 -8.44
C TYR C 36 -1.09 -5.99 -8.22
N GLN C 37 -0.68 -4.74 -8.43
CA GLN C 37 0.63 -4.25 -8.03
C GLN C 37 0.47 -3.42 -6.78
N HIS C 38 1.32 -3.65 -5.78
CA HIS C 38 1.32 -2.83 -4.58
C HIS C 38 2.70 -2.34 -4.21
N LYS C 39 2.94 -1.06 -4.48
CA LYS C 39 4.16 -0.37 -4.09
C LYS C 39 3.96 0.14 -2.66
N PRO C 40 4.92 -0.14 -1.75
CA PRO C 40 4.76 0.38 -0.40
C PRO C 40 4.48 1.89 -0.39
N GLY C 41 3.57 2.32 0.47
CA GLY C 41 3.18 3.73 0.58
C GLY C 41 2.17 4.21 -0.45
N LYS C 42 1.74 3.33 -1.33
CA LYS C 42 0.79 3.65 -2.37
C LYS C 42 -0.38 2.70 -2.26
N ALA C 43 -1.49 3.05 -2.91
CA ALA C 43 -2.62 2.14 -2.98
C ALA C 43 -2.28 1.00 -3.92
N PRO C 44 -2.76 -0.21 -3.63
CA PRO C 44 -2.69 -1.24 -4.64
C PRO C 44 -3.34 -0.78 -5.92
N LYS C 45 -2.85 -1.32 -7.04
CA LYS C 45 -3.29 -0.93 -8.38
C LYS C 45 -3.72 -2.19 -9.14
N LEU C 46 -4.94 -2.20 -9.65
CA LEU C 46 -5.40 -3.30 -10.48
C LEU C 46 -4.63 -3.28 -11.81
N LEU C 47 -3.99 -4.39 -12.13
CA LEU C 47 -3.24 -4.56 -13.38
C LEU C 47 -4.05 -5.31 -14.42
N ILE C 48 -4.51 -6.50 -14.03
CA ILE C 48 -5.13 -7.47 -14.91
C ILE C 48 -6.42 -7.96 -14.27
N TYR C 49 -7.46 -8.15 -15.07
CA TYR C 49 -8.65 -8.82 -14.56
C TYR C 49 -9.10 -9.87 -15.56
N ALA C 50 -9.97 -10.77 -15.14
CA ALA C 50 -10.44 -11.85 -16.01
C ALA C 50 -9.23 -12.56 -16.64
N ALA C 51 -8.22 -12.79 -15.82
CA ALA C 51 -7.01 -13.51 -16.19
C ALA C 51 -6.07 -12.81 -17.19
N SER C 52 -6.62 -12.18 -18.23
CA SER C 52 -5.78 -11.63 -19.31
C SER C 52 -6.15 -10.23 -19.79
N SER C 53 -7.20 -9.62 -19.23
CA SER C 53 -7.61 -8.27 -19.63
C SER C 53 -6.78 -7.21 -18.91
N LEU C 54 -6.19 -6.31 -19.69
CA LEU C 54 -5.34 -5.27 -19.14
C LEU C 54 -6.22 -4.13 -18.70
N GLN C 55 -6.10 -3.73 -17.43
CA GLN C 55 -6.88 -2.62 -16.93
C GLN C 55 -6.48 -1.34 -17.65
N SER C 56 -7.48 -0.51 -17.96
CA SER C 56 -7.26 0.70 -18.71
C SER C 56 -6.15 1.52 -18.06
N GLY C 57 -5.20 1.96 -18.88
CA GLY C 57 -4.14 2.83 -18.42
C GLY C 57 -2.93 2.15 -17.81
N VAL C 58 -2.99 0.83 -17.65
CA VAL C 58 -1.86 0.09 -17.10
C VAL C 58 -0.87 -0.18 -18.23
N PRO C 59 0.44 -0.04 -17.97
CA PRO C 59 1.37 -0.21 -19.10
C PRO C 59 1.33 -1.57 -19.77
N SER C 60 1.66 -1.59 -21.06
CA SER C 60 1.54 -2.79 -21.90
C SER C 60 2.49 -3.91 -21.51
N ARG C 61 3.54 -3.61 -20.76
CA ARG C 61 4.45 -4.66 -20.32
C ARG C 61 3.83 -5.68 -19.37
N PHE C 62 2.69 -5.35 -18.75
CA PHE C 62 1.98 -6.29 -17.90
C PHE C 62 0.99 -7.08 -18.72
N SER C 63 1.05 -8.41 -18.60
CA SER C 63 0.12 -9.28 -19.27
C SER C 63 -0.20 -10.44 -18.37
N GLY C 64 -1.35 -11.06 -18.59
CA GLY C 64 -1.75 -12.19 -17.78
C GLY C 64 -2.25 -13.34 -18.64
N SER C 65 -2.08 -14.55 -18.12
CA SER C 65 -2.59 -15.71 -18.81
C SER C 65 -2.98 -16.80 -17.82
N GLY C 66 -3.68 -17.78 -18.35
CA GLY C 66 -4.05 -18.93 -17.60
C GLY C 66 -5.54 -19.12 -17.51
N TYR C 67 -5.89 -20.33 -17.10
CA TYR C 67 -7.27 -20.70 -16.91
C TYR C 67 -7.31 -21.81 -15.86
N GLY C 68 -8.30 -21.72 -14.98
CA GLY C 68 -8.68 -22.84 -14.12
C GLY C 68 -7.96 -22.85 -12.81
N THR C 69 -6.74 -23.36 -12.80
CA THR C 69 -5.96 -23.39 -11.56
C THR C 69 -4.69 -22.54 -11.60
N ASP C 70 -3.94 -22.61 -12.70
CA ASP C 70 -2.63 -21.97 -12.78
C ASP C 70 -2.63 -20.76 -13.68
N PHE C 71 -2.18 -19.64 -13.11
CA PHE C 71 -2.17 -18.37 -13.79
C PHE C 71 -0.80 -17.73 -13.70
N THR C 72 -0.51 -16.89 -14.68
CA THR C 72 0.79 -16.26 -14.77
C THR C 72 0.69 -14.78 -15.09
N LEU C 73 1.31 -13.96 -14.25
CA LEU C 73 1.53 -12.56 -14.56
C LEU C 73 2.91 -12.43 -15.19
N THR C 74 2.97 -11.79 -16.35
CA THR C 74 4.23 -11.57 -17.03
C THR C 74 4.50 -10.07 -17.06
N ILE C 75 5.70 -9.69 -16.67
CA ILE C 75 6.22 -8.37 -16.96
C ILE C 75 7.23 -8.55 -18.08
N SER C 76 6.87 -8.11 -19.30
CA SER C 76 7.63 -8.49 -20.48
C SER C 76 9.08 -7.97 -20.46
N SER C 77 9.26 -6.77 -19.94
CA SER C 77 10.58 -6.14 -19.85
C SER C 77 10.56 -5.30 -18.59
N LEU C 78 11.22 -5.81 -17.56
CA LEU C 78 11.17 -5.20 -16.24
C LEU C 78 11.76 -3.79 -16.25
N GLN C 79 11.07 -2.86 -15.62
CA GLN C 79 11.54 -1.48 -15.48
C GLN C 79 11.87 -1.23 -14.01
N PRO C 80 12.75 -0.28 -13.73
CA PRO C 80 13.21 -0.15 -12.35
C PRO C 80 12.15 0.31 -11.37
N GLU C 81 11.09 0.94 -11.87
CA GLU C 81 9.99 1.35 -11.00
C GLU C 81 9.05 0.19 -10.68
N ASP C 82 9.34 -1.00 -11.21
CA ASP C 82 8.46 -2.13 -11.03
C ASP C 82 8.67 -2.94 -9.77
N PHE C 83 9.61 -2.57 -8.91
CA PHE C 83 9.72 -3.25 -7.63
C PHE C 83 8.41 -3.01 -6.87
N ALA C 84 7.86 -4.09 -6.35
CA ALA C 84 6.57 -4.05 -5.66
C ALA C 84 6.29 -5.43 -5.13
N SER C 85 5.19 -5.57 -4.41
CA SER C 85 4.62 -6.87 -4.20
C SER C 85 3.44 -6.98 -5.12
N TYR C 86 3.31 -8.14 -5.75
CA TYR C 86 2.24 -8.39 -6.71
C TYR C 86 1.33 -9.47 -6.14
N TYR C 87 0.02 -9.27 -6.30
CA TYR C 87 -1.01 -10.14 -5.71
C TYR C 87 -1.97 -10.62 -6.76
N CYS C 88 -2.26 -11.92 -6.76
CA CYS C 88 -3.40 -12.42 -7.49
C CYS C 88 -4.61 -12.42 -6.56
N GLN C 89 -5.79 -12.48 -7.15
CA GLN C 89 -7.00 -12.51 -6.41
C GLN C 89 -8.05 -13.26 -7.18
N GLU C 90 -8.73 -14.20 -6.53
CA GLU C 90 -9.82 -14.91 -7.17
C GLU C 90 -11.12 -14.13 -7.00
N SER C 91 -11.99 -14.26 -7.99
CA SER C 91 -13.29 -13.61 -7.98
C SER C 91 -14.42 -14.61 -8.23
N LEU C 92 -14.20 -15.89 -7.96
CA LEU C 92 -15.28 -16.87 -8.04
C LEU C 92 -16.16 -16.81 -6.79
N SER C 93 -15.53 -16.64 -5.63
CA SER C 93 -16.25 -16.62 -4.38
C SER C 93 -16.43 -15.22 -3.87
N ALA C 94 -17.42 -15.09 -2.98
CA ALA C 94 -17.71 -13.83 -2.32
C ALA C 94 -16.64 -13.39 -1.34
N SER C 95 -15.61 -14.22 -1.12
CA SER C 95 -14.43 -13.85 -0.32
C SER C 95 -13.34 -13.09 -1.10
N TYR C 96 -13.37 -13.15 -2.42
CA TYR C 96 -12.40 -12.44 -3.25
C TYR C 96 -11.00 -12.60 -2.67
N THR C 97 -10.62 -13.86 -2.48
CA THR C 97 -9.40 -14.23 -1.78
C THR C 97 -8.14 -13.77 -2.51
N PHE C 98 -7.29 -13.06 -1.77
CA PHE C 98 -5.96 -12.69 -2.27
C PHE C 98 -4.95 -13.79 -2.08
N GLY C 99 -3.99 -13.84 -3.00
CA GLY C 99 -2.78 -14.63 -2.79
C GLY C 99 -1.94 -13.93 -1.74
N GLN C 100 -0.83 -14.56 -1.36
CA GLN C 100 -0.02 -14.05 -0.27
C GLN C 100 0.97 -12.95 -0.71
N GLY C 101 1.08 -12.74 -2.01
CA GLY C 101 1.97 -11.71 -2.58
C GLY C 101 3.31 -12.28 -3.00
N THR C 102 3.87 -11.70 -4.07
CA THR C 102 5.21 -12.04 -4.53
C THR C 102 5.96 -10.73 -4.59
N LYS C 103 7.10 -10.67 -3.90
CA LYS C 103 7.91 -9.48 -3.88
C LYS C 103 8.94 -9.50 -5.02
N VAL C 104 8.91 -8.47 -5.85
CA VAL C 104 9.85 -8.30 -6.96
C VAL C 104 10.85 -7.23 -6.59
N GLU C 105 12.12 -7.60 -6.60
CA GLU C 105 13.21 -6.67 -6.34
C GLU C 105 14.03 -6.55 -7.62
N ILE C 106 14.73 -5.43 -7.77
CA ILE C 106 15.47 -5.17 -8.98
C ILE C 106 16.93 -5.52 -8.73
N LYS C 107 17.43 -6.45 -9.52
CA LYS C 107 18.84 -6.78 -9.56
C LYS C 107 19.55 -5.72 -10.37
N ARG C 108 20.73 -5.32 -9.93
CA ARG C 108 21.60 -4.46 -10.70
C ARG C 108 23.05 -4.72 -10.31
N THR C 109 23.97 -4.01 -10.94
CA THR C 109 25.39 -4.23 -10.70
C THR C 109 25.78 -3.67 -9.33
N VAL C 110 26.90 -4.12 -8.79
CA VAL C 110 27.36 -3.63 -7.49
C VAL C 110 27.63 -2.13 -7.55
N ALA C 111 27.27 -1.42 -6.49
CA ALA C 111 27.54 0.02 -6.38
C ALA C 111 27.97 0.32 -4.96
N ALA C 112 29.14 0.93 -4.84
CA ALA C 112 29.71 1.26 -3.54
C ALA C 112 28.97 2.46 -2.96
N PRO C 113 28.77 2.50 -1.64
CA PRO C 113 28.14 3.66 -1.04
C PRO C 113 29.05 4.86 -1.02
N SER C 114 28.45 6.04 -1.14
CA SER C 114 29.14 7.28 -0.85
C SER C 114 28.82 7.59 0.60
N VAL C 115 29.85 7.81 1.41
CA VAL C 115 29.66 7.91 2.84
C VAL C 115 29.82 9.36 3.28
N PHE C 116 28.92 9.80 4.15
CA PHE C 116 28.95 11.16 4.69
C PHE C 116 28.70 11.02 6.17
N ILE C 117 29.37 11.86 6.97
CA ILE C 117 29.11 11.90 8.41
C ILE C 117 28.68 13.30 8.83
N PHE C 118 27.68 13.37 9.71
CA PHE C 118 27.14 14.62 10.22
C PHE C 118 27.25 14.70 11.74
N PRO C 119 27.96 15.71 12.27
CA PRO C 119 27.88 15.98 13.70
C PRO C 119 26.48 16.39 14.15
N PRO C 120 26.21 16.30 15.46
CA PRO C 120 24.98 16.89 15.97
C PRO C 120 25.01 18.40 15.81
N SER C 121 23.85 18.98 15.60
CA SER C 121 23.70 20.41 15.47
C SER C 121 23.86 21.04 16.83
N ASP C 122 24.27 22.31 16.85
CA ASP C 122 24.35 23.05 18.09
C ASP C 122 22.97 23.20 18.70
N GLU C 123 21.95 23.31 17.84
CA GLU C 123 20.56 23.38 18.29
C GLU C 123 20.18 22.14 19.11
N GLN C 124 20.49 20.96 18.58
CA GLN C 124 20.19 19.72 19.30
C GLN C 124 20.99 19.65 20.59
N LEU C 125 22.28 19.92 20.50
CA LEU C 125 23.16 19.92 21.66
C LEU C 125 22.59 20.77 22.79
N LYS C 126 22.05 21.95 22.46
CA LYS C 126 21.38 22.81 23.44
C LYS C 126 20.36 22.04 24.28
N SER C 127 19.60 21.15 23.63
CA SER C 127 18.54 20.39 24.30
C SER C 127 19.02 19.23 25.19
N GLY C 128 20.31 18.91 25.11
CA GLY C 128 20.91 17.89 25.98
C GLY C 128 21.01 16.50 25.38
N THR C 129 21.02 16.43 24.06
CA THR C 129 21.19 15.15 23.35
C THR C 129 22.04 15.36 22.10
N ALA C 130 22.63 14.28 21.61
CA ALA C 130 23.54 14.33 20.48
C ALA C 130 23.29 13.16 19.54
N SER C 131 22.78 13.45 18.35
CA SER C 131 22.63 12.45 17.31
C SER C 131 23.73 12.67 16.30
N VAL C 132 24.55 11.65 16.11
CA VAL C 132 25.56 11.68 15.05
C VAL C 132 24.99 10.80 13.95
N VAL C 133 25.01 11.31 12.72
CA VAL C 133 24.42 10.58 11.61
C VAL C 133 25.50 10.22 10.60
N CYS C 134 25.47 8.98 10.17
CA CYS C 134 26.31 8.50 9.08
C CYS C 134 25.40 8.04 7.96
N LEU C 135 25.64 8.59 6.76
CA LEU C 135 24.82 8.30 5.58
C LEU C 135 25.63 7.45 4.59
N LEU C 136 25.07 6.31 4.18
CA LEU C 136 25.60 5.54 3.07
C LEU C 136 24.65 5.76 1.90
N ASN C 137 25.16 6.35 0.83
CA ASN C 137 24.29 6.80 -0.25
C ASN C 137 24.49 6.01 -1.54
N ASN C 138 23.36 5.55 -2.07
CA ASN C 138 23.26 4.99 -3.42
C ASN C 138 24.17 3.80 -3.62
N PHE C 139 23.88 2.73 -2.89
CA PHE C 139 24.65 1.50 -2.99
C PHE C 139 23.81 0.28 -3.35
N TYR C 140 24.52 -0.76 -3.75
CA TYR C 140 23.90 -2.03 -4.08
C TYR C 140 24.97 -3.13 -4.04
N PRO C 141 24.67 -4.29 -3.45
CA PRO C 141 23.40 -4.74 -2.87
C PRO C 141 23.15 -4.16 -1.48
N ARG C 142 22.01 -4.52 -0.92
CA ARG C 142 21.51 -3.97 0.34
C ARG C 142 22.47 -4.22 1.50
N GLU C 143 23.17 -5.36 1.49
CA GLU C 143 24.03 -5.76 2.60
C GLU C 143 25.13 -4.72 2.85
N ALA C 144 25.16 -4.18 4.07
CA ALA C 144 26.15 -3.17 4.46
C ALA C 144 26.39 -3.20 5.96
N LYS C 145 27.64 -2.96 6.37
CA LYS C 145 28.00 -2.89 7.78
C LYS C 145 28.51 -1.50 8.11
N VAL C 146 27.99 -0.95 9.20
CA VAL C 146 28.42 0.35 9.72
C VAL C 146 29.04 0.12 11.08
N GLN C 147 30.37 0.29 11.15
CA GLN C 147 31.10 0.24 12.40
C GLN C 147 31.37 1.65 12.88
N TRP C 148 30.73 2.04 13.98
CA TRP C 148 31.02 3.31 14.62
C TRP C 148 32.31 3.21 15.45
N LYS C 149 33.10 4.28 15.44
CA LYS C 149 34.30 4.36 16.25
C LYS C 149 34.39 5.74 16.92
N VAL C 150 34.59 5.75 18.23
CA VAL C 150 34.75 7.00 18.97
C VAL C 150 36.10 6.99 19.70
N ASP C 151 36.96 7.94 19.36
CA ASP C 151 38.36 7.94 19.81
C ASP C 151 39.03 6.59 19.54
N ASN C 152 38.90 6.12 18.30
CA ASN C 152 39.43 4.82 17.86
C ASN C 152 38.89 3.61 18.62
N ALA C 153 37.89 3.82 19.49
CA ALA C 153 37.22 2.74 20.20
C ALA C 153 36.01 2.34 19.39
N LEU C 154 35.90 1.04 19.09
CA LEU C 154 34.78 0.53 18.30
C LEU C 154 33.49 0.55 19.14
N GLN C 155 32.42 1.07 18.55
CA GLN C 155 31.13 1.25 19.23
C GLN C 155 30.16 0.13 18.90
N SER C 156 29.19 -0.09 19.79
CA SER C 156 28.11 -1.05 19.55
C SER C 156 26.93 -0.87 20.52
N GLY C 157 25.72 -1.12 20.01
CA GLY C 157 24.49 -1.00 20.81
C GLY C 157 23.89 0.40 20.90
N ASN C 158 24.61 1.40 20.39
CA ASN C 158 24.21 2.81 20.56
C ASN C 158 23.74 3.47 19.27
N SER C 159 23.55 2.67 18.22
CA SER C 159 23.15 3.18 16.93
C SER C 159 21.93 2.43 16.36
N GLN C 160 21.09 3.16 15.62
CA GLN C 160 19.92 2.57 14.94
C GLN C 160 20.06 2.80 13.45
N GLU C 161 19.68 1.81 12.66
CA GLU C 161 19.78 1.90 11.20
C GLU C 161 18.41 2.02 10.54
N SER C 162 18.37 2.74 9.42
CA SER C 162 17.20 2.81 8.58
C SER C 162 17.65 2.74 7.14
N VAL C 163 16.90 2.05 6.30
CA VAL C 163 17.27 1.89 4.90
C VAL C 163 16.10 2.28 4.02
N THR C 164 16.38 2.98 2.93
CA THR C 164 15.36 3.35 1.98
C THR C 164 14.95 2.13 1.16
N GLU C 165 13.84 2.25 0.46
CA GLU C 165 13.47 1.30 -0.58
C GLU C 165 14.39 1.51 -1.78
N GLN C 166 14.35 0.61 -2.76
CA GLN C 166 15.18 0.80 -3.95
C GLN C 166 14.79 2.11 -4.66
N ASP C 167 15.79 2.81 -5.17
CA ASP C 167 15.56 4.01 -5.95
C ASP C 167 14.79 3.65 -7.22
N SER C 168 13.78 4.44 -7.54
CA SER C 168 12.92 4.16 -8.69
C SER C 168 13.62 4.23 -10.05
N LYS C 169 14.78 4.89 -10.11
CA LYS C 169 15.52 5.01 -11.36
C LYS C 169 16.78 4.15 -11.39
N ASP C 170 17.56 4.17 -10.31
CA ASP C 170 18.85 3.47 -10.32
C ASP C 170 18.92 2.21 -9.44
N SER C 171 17.83 1.90 -8.74
CA SER C 171 17.67 0.63 -8.03
C SER C 171 18.62 0.47 -6.83
N THR C 172 19.26 1.56 -6.42
CA THR C 172 20.18 1.52 -5.29
C THR C 172 19.43 1.75 -3.99
N TYR C 173 20.12 1.46 -2.89
CA TYR C 173 19.63 1.72 -1.54
C TYR C 173 20.46 2.84 -0.95
N SER C 174 19.87 3.52 0.02
CA SER C 174 20.62 4.40 0.92
C SER C 174 20.27 4.00 2.34
N LEU C 175 21.21 4.29 3.25
CA LEU C 175 21.12 3.82 4.62
C LEU C 175 21.63 4.90 5.55
N SER C 176 20.89 5.13 6.63
CA SER C 176 21.35 6.05 7.66
C SER C 176 21.64 5.23 8.89
N SER C 177 22.74 5.56 9.55
CA SER C 177 23.08 5.01 10.84
C SER C 177 23.17 6.18 11.81
N THR C 178 22.39 6.13 12.89
CA THR C 178 22.30 7.24 13.82
C THR C 178 22.80 6.81 15.19
N LEU C 179 23.91 7.41 15.60
CA LEU C 179 24.51 7.19 16.91
C LEU C 179 23.93 8.23 17.87
N THR C 180 23.34 7.77 18.96
CA THR C 180 22.70 8.67 19.91
C THR C 180 23.43 8.69 21.24
N LEU C 181 23.73 9.89 21.73
CA LEU C 181 24.47 10.06 22.97
C LEU C 181 23.86 11.19 23.78
N SER C 182 24.09 11.16 25.09
CA SER C 182 23.81 12.32 25.92
C SER C 182 24.80 13.41 25.54
N LYS C 183 24.42 14.66 25.74
CA LYS C 183 25.34 15.79 25.54
C LYS C 183 26.63 15.56 26.34
N ALA C 184 26.47 15.14 27.60
CA ALA C 184 27.62 14.88 28.48
C ALA C 184 28.55 13.84 27.87
N ASP C 185 28.00 12.69 27.50
CA ASP C 185 28.78 11.62 26.87
C ASP C 185 29.47 12.14 25.62
N TYR C 186 28.70 12.80 24.76
CA TYR C 186 29.21 13.32 23.50
C TYR C 186 30.43 14.23 23.68
N GLU C 187 30.36 15.10 24.68
CA GLU C 187 31.39 16.11 24.90
C GLU C 187 32.64 15.59 25.61
N LYS C 188 32.59 14.32 26.04
CA LYS C 188 33.74 13.67 26.67
C LYS C 188 34.66 12.91 25.70
N HIS C 189 34.35 12.98 24.40
CA HIS C 189 35.19 12.37 23.36
C HIS C 189 35.48 13.38 22.24
N LYS C 190 36.51 13.09 21.46
CA LYS C 190 36.94 14.01 20.40
C LYS C 190 36.55 13.52 19.01
N VAL C 191 37.12 12.38 18.60
CA VAL C 191 36.98 11.91 17.22
C VAL C 191 35.83 10.91 17.07
N TYR C 192 34.89 11.26 16.21
CA TYR C 192 33.74 10.43 15.89
C TYR C 192 33.91 9.93 14.47
N ALA C 193 33.83 8.63 14.29
CA ALA C 193 34.15 8.00 13.01
C ALA C 193 33.12 6.93 12.65
N CYS C 194 32.80 6.88 11.36
CA CYS C 194 31.88 5.90 10.82
C CYS C 194 32.63 5.08 9.77
N GLU C 195 32.86 3.80 10.06
CA GLU C 195 33.54 2.89 9.13
C GLU C 195 32.53 1.99 8.45
N VAL C 196 32.54 2.01 7.12
CA VAL C 196 31.55 1.31 6.32
C VAL C 196 32.20 0.18 5.53
N THR C 197 31.62 -1.01 5.66
CA THR C 197 32.02 -2.17 4.92
C THR C 197 30.92 -2.51 3.91
N HIS C 198 31.33 -2.77 2.66
CA HIS C 198 30.39 -3.08 1.58
C HIS C 198 31.11 -3.78 0.42
N GLN C 199 30.39 -4.68 -0.24
CA GLN C 199 30.92 -5.44 -1.37
C GLN C 199 31.60 -4.57 -2.43
N GLY C 200 31.01 -3.40 -2.69
CA GLY C 200 31.55 -2.46 -3.67
C GLY C 200 32.84 -1.79 -3.27
N LEU C 201 33.21 -1.89 -1.99
CA LEU C 201 34.45 -1.33 -1.47
C LEU C 201 35.51 -2.42 -1.29
N SER C 202 36.67 -2.24 -1.90
CA SER C 202 37.78 -3.20 -1.77
C SER C 202 38.25 -3.28 -0.31
N SER C 203 38.25 -2.14 0.37
CA SER C 203 38.49 -2.07 1.80
C SER C 203 37.49 -1.12 2.44
N PRO C 204 37.29 -1.22 3.77
CA PRO C 204 36.34 -0.33 4.43
C PRO C 204 36.68 1.16 4.28
N VAL C 205 35.65 1.99 4.08
CA VAL C 205 35.81 3.43 3.97
C VAL C 205 35.39 4.07 5.28
N THR C 206 36.19 5.02 5.77
CA THR C 206 35.90 5.71 7.01
C THR C 206 35.73 7.21 6.78
N LYS C 207 34.67 7.75 7.38
CA LYS C 207 34.44 9.19 7.45
C LYS C 207 34.39 9.56 8.92
N SER C 208 35.06 10.65 9.29
CA SER C 208 35.15 11.04 10.68
C SER C 208 35.21 12.55 10.84
N PHE C 209 35.06 13.00 12.07
CA PHE C 209 35.19 14.41 12.41
C PHE C 209 35.68 14.53 13.84
N ASN C 210 36.23 15.69 14.16
CA ASN C 210 36.64 16.02 15.51
C ASN C 210 35.64 16.99 16.08
N ARG C 211 35.13 16.70 17.27
CA ARG C 211 34.05 17.48 17.89
C ARG C 211 34.26 18.99 17.86
N GLY C 212 35.50 19.44 17.95
CA GLY C 212 35.80 20.87 17.86
C GLY C 212 35.61 21.33 16.43
N GLU C 213 36.70 21.27 15.69
CA GLU C 213 36.67 21.12 14.24
C GLU C 213 38.07 20.68 13.81
#